data_9IJO
#
_entry.id   9IJO
#
_cell.length_a   48.989
_cell.length_b   77.523
_cell.length_c   39.751
_cell.angle_alpha   90.000
_cell.angle_beta   90.000
_cell.angle_gamma   90.000
#
_symmetry.space_group_name_H-M   'P 21 21 21'
#
loop_
_entity.id
_entity.type
_entity.pdbx_description
1 polymer Myoglobin
2 non-polymer 'PROTOPORPHYRIN IX CONTAINING FE'
3 non-polymer 4-methyl-2-(4-methylpyridin-2-yl)pyridine
4 non-polymer 'COPPER (II) ION'
5 water water
#
_entity_poly.entity_id   1
_entity_poly.type   'polypeptide(L)'
_entity_poly.pdbx_seq_one_letter_code
;MVLSEGEWQLVLHVWAKVEADVAGHGQDILIRLFKSHPETLEKFDRCKHLKTEAEMKASEDLKKHGVTVLTALGAILKKK
GHHEAELKPLAQSHATKHKIPIKYLEFISEAIIHVLHSRHPGDFGADAQGAMNKALELFRKDIAAKYKELGYQG
;
_entity_poly.pdbx_strand_id   A
#
# COMPACT_ATOMS: atom_id res chain seq x y z
N LEU A 3 -4.76 -8.07 -15.76
CA LEU A 3 -4.36 -9.33 -15.15
C LEU A 3 -5.27 -10.47 -15.59
N SER A 4 -4.71 -11.67 -15.75
CA SER A 4 -5.55 -12.84 -15.95
C SER A 4 -6.31 -13.18 -14.66
N GLU A 5 -7.38 -13.96 -14.80
CA GLU A 5 -8.06 -14.47 -13.60
C GLU A 5 -7.09 -15.24 -12.71
N GLY A 6 -6.19 -16.02 -13.31
CA GLY A 6 -5.22 -16.75 -12.51
C GLY A 6 -4.31 -15.82 -11.73
N GLU A 7 -3.88 -14.73 -12.36
CA GLU A 7 -3.05 -13.77 -11.63
C GLU A 7 -3.82 -13.12 -10.50
N TRP A 8 -5.07 -12.71 -10.73
CA TRP A 8 -5.87 -12.18 -9.61
C TRP A 8 -5.97 -13.19 -8.49
N GLN A 9 -6.11 -14.47 -8.81
CA GLN A 9 -6.21 -15.48 -7.76
C GLN A 9 -4.91 -15.60 -6.97
N LEU A 10 -3.76 -15.42 -7.62
CA LEU A 10 -2.51 -15.43 -6.87
C LEU A 10 -2.41 -14.23 -5.94
N VAL A 11 -2.86 -13.08 -6.42
CA VAL A 11 -2.91 -11.87 -5.60
C VAL A 11 -3.76 -12.10 -4.36
N LEU A 12 -4.98 -12.64 -4.56
CA LEU A 12 -5.87 -12.80 -3.43
C LEU A 12 -5.46 -13.95 -2.54
N HIS A 13 -4.76 -14.94 -3.08
CA HIS A 13 -4.27 -16.03 -2.25
C HIS A 13 -3.28 -15.53 -1.21
N VAL A 14 -2.28 -14.75 -1.65
CA VAL A 14 -1.33 -14.22 -0.67
C VAL A 14 -2.00 -13.16 0.18
N TRP A 15 -2.97 -12.42 -0.38
CA TRP A 15 -3.61 -11.39 0.45
C TRP A 15 -4.36 -12.01 1.60
N ALA A 16 -4.91 -13.21 1.42
CA ALA A 16 -5.56 -13.90 2.52
C ALA A 16 -4.58 -14.12 3.68
N LYS A 17 -3.30 -14.33 3.37
CA LYS A 17 -2.31 -14.45 4.44
C LYS A 17 -2.11 -13.13 5.16
N VAL A 18 -2.10 -12.01 4.43
CA VAL A 18 -2.06 -10.70 5.04
C VAL A 18 -3.23 -10.52 6.00
N GLU A 19 -4.42 -10.97 5.59
CA GLU A 19 -5.62 -10.76 6.37
C GLU A 19 -5.58 -11.50 7.70
N ALA A 20 -4.72 -12.50 7.84
CA ALA A 20 -4.60 -13.20 9.11
C ALA A 20 -3.99 -12.32 10.20
N ASP A 21 -3.22 -11.29 9.84
CA ASP A 21 -2.75 -10.38 10.85
C ASP A 21 -2.47 -9.06 10.14
N VAL A 22 -3.53 -8.30 9.92
CA VAL A 22 -3.43 -7.09 9.12
C VAL A 22 -2.51 -6.09 9.80
N ALA A 23 -2.63 -5.95 11.13
CA ALA A 23 -1.86 -4.94 11.84
C ALA A 23 -0.36 -5.23 11.79
N GLY A 24 0.04 -6.48 11.96
CA GLY A 24 1.45 -6.80 11.92
C GLY A 24 2.06 -6.59 10.55
N HIS A 25 1.32 -6.98 9.50
CA HIS A 25 1.76 -6.69 8.14
C HIS A 25 1.84 -5.21 7.89
N GLY A 26 0.82 -4.45 8.34
CA GLY A 26 0.85 -3.01 8.12
C GLY A 26 2.00 -2.33 8.83
N GLN A 27 2.32 -2.79 10.03
CA GLN A 27 3.47 -2.26 10.76
C GLN A 27 4.76 -2.50 9.98
N ASP A 28 4.97 -3.73 9.53
CA ASP A 28 6.20 -4.03 8.80
C ASP A 28 6.27 -3.22 7.51
N ILE A 29 5.13 -3.03 6.84
CA ILE A 29 5.14 -2.31 5.57
C ILE A 29 5.47 -0.84 5.79
N LEU A 30 4.85 -0.22 6.79
CA LEU A 30 5.12 1.20 7.02
C LEU A 30 6.54 1.39 7.56
N ILE A 31 7.01 0.47 8.40
CA ILE A 31 8.38 0.60 8.89
C ILE A 31 9.38 0.48 7.75
N ARG A 32 9.14 -0.45 6.83
CA ARG A 32 10.00 -0.57 5.66
C ARG A 32 9.95 0.70 4.82
N LEU A 33 8.76 1.27 4.64
CA LEU A 33 8.62 2.51 3.89
C LEU A 33 9.40 3.65 4.53
N PHE A 34 9.28 3.78 5.86
CA PHE A 34 9.91 4.89 6.56
C PHE A 34 11.41 4.70 6.67
N LYS A 35 11.89 3.46 6.75
CA LYS A 35 13.32 3.23 6.78
C LYS A 35 13.94 3.45 5.40
N SER A 36 13.26 2.98 4.34
CA SER A 36 13.82 3.09 3.00
C SER A 36 13.65 4.49 2.42
N HIS A 37 12.62 5.22 2.85
CA HIS A 37 12.31 6.53 2.28
C HIS A 37 11.87 7.45 3.41
N PRO A 38 12.82 7.93 4.23
CA PRO A 38 12.44 8.66 5.44
C PRO A 38 11.72 9.96 5.16
N GLU A 39 11.82 10.50 3.94
CA GLU A 39 11.08 11.71 3.63
C GLU A 39 9.57 11.50 3.68
N THR A 40 9.09 10.26 3.53
CA THR A 40 7.66 10.01 3.62
C THR A 40 7.13 10.21 5.03
N LEU A 41 7.99 10.07 6.04
CA LEU A 41 7.58 10.25 7.42
C LEU A 41 6.94 11.62 7.64
N GLU A 42 7.41 12.62 6.88
CA GLU A 42 6.96 14.00 7.04
C GLU A 42 5.50 14.20 6.65
N LYS A 43 4.91 13.27 5.90
CA LYS A 43 3.52 13.40 5.48
C LYS A 43 2.55 13.13 6.61
N PHE A 44 3.01 12.58 7.73
CA PHE A 44 2.14 12.15 8.80
C PHE A 44 2.30 13.07 10.00
N ASP A 45 1.20 13.37 10.66
CA ASP A 45 1.22 14.16 11.88
C ASP A 45 1.69 13.28 13.05
N ARG A 46 2.41 13.89 13.98
CA ARG A 46 2.90 13.21 15.17
C ARG A 46 3.61 11.91 14.78
N CYS A 47 4.53 12.02 13.83
CA CYS A 47 5.25 10.87 13.30
C CYS A 47 6.73 11.12 13.06
N LYS A 48 7.14 12.33 12.67
CA LYS A 48 8.54 12.66 12.42
C LYS A 48 9.43 12.35 13.62
N HIS A 49 8.85 12.33 14.82
CA HIS A 49 9.64 12.12 16.02
C HIS A 49 10.10 10.68 16.17
N LEU A 50 9.50 9.74 15.44
CA LEU A 50 9.88 8.34 15.59
C LEU A 50 11.25 8.12 14.98
N LYS A 51 12.17 7.60 15.77
CA LYS A 51 13.56 7.48 15.37
C LYS A 51 14.06 6.05 15.28
N THR A 52 13.59 5.15 16.13
CA THR A 52 14.07 3.78 16.13
C THR A 52 12.96 2.83 15.70
N GLU A 53 13.38 1.65 15.26
CA GLU A 53 12.41 0.60 14.93
C GLU A 53 11.51 0.28 16.12
N ALA A 54 12.07 0.20 17.33
CA ALA A 54 11.25 -0.11 18.50
C ALA A 54 10.20 0.98 18.74
N GLU A 55 10.57 2.25 18.60
CA GLU A 55 9.58 3.32 18.72
C GLU A 55 8.50 3.17 17.67
N MET A 56 8.89 2.78 16.45
CA MET A 56 7.92 2.63 15.39
C MET A 56 6.97 1.47 15.69
N LYS A 57 7.50 0.37 16.24
CA LYS A 57 6.64 -0.76 16.58
C LYS A 57 5.74 -0.45 17.76
N ALA A 58 6.16 0.45 18.65
CA ALA A 58 5.33 0.81 19.79
C ALA A 58 4.26 1.84 19.47
N SER A 59 4.30 2.46 18.28
CA SER A 59 3.40 3.57 17.97
C SER A 59 2.01 3.04 17.66
N GLU A 60 1.03 3.43 18.46
CA GLU A 60 -0.35 3.07 18.16
C GLU A 60 -0.83 3.76 16.89
N ASP A 61 -0.40 5.00 16.65
CA ASP A 61 -0.80 5.69 15.44
C ASP A 61 -0.28 4.98 14.19
N LEU A 62 0.98 4.55 14.21
CA LEU A 62 1.52 3.83 13.06
C LEU A 62 0.77 2.52 12.84
N LYS A 63 0.50 1.78 13.92
CA LYS A 63 -0.18 0.50 13.77
C LYS A 63 -1.60 0.70 13.24
N LYS A 64 -2.31 1.72 13.73
CA LYS A 64 -3.62 2.03 13.20
C LYS A 64 -3.53 2.37 11.73
N HIS A 65 -2.55 3.17 11.36
CA HIS A 65 -2.45 3.61 9.96
C HIS A 65 -2.20 2.43 9.04
N GLY A 66 -1.35 1.50 9.45
CA GLY A 66 -1.09 0.35 8.59
C GLY A 66 -2.35 -0.45 8.34
N VAL A 67 -3.22 -0.54 9.35
CA VAL A 67 -4.48 -1.25 9.16
C VAL A 67 -5.38 -0.48 8.20
N THR A 68 -5.41 0.84 8.33
CA THR A 68 -6.19 1.66 7.41
C THR A 68 -5.76 1.44 5.96
N VAL A 69 -4.44 1.47 5.72
CA VAL A 69 -3.93 1.27 4.37
C VAL A 69 -4.31 -0.11 3.85
N LEU A 70 -3.99 -1.16 4.61
CA LEU A 70 -4.20 -2.50 4.09
C LEU A 70 -5.68 -2.85 3.97
N THR A 71 -6.54 -2.30 4.84
CA THR A 71 -7.98 -2.51 4.70
C THR A 71 -8.46 -1.96 3.37
N ALA A 72 -8.06 -0.72 3.06
CA ALA A 72 -8.50 -0.10 1.82
C ALA A 72 -7.88 -0.79 0.61
N LEU A 73 -6.59 -1.14 0.68
CA LEU A 73 -5.95 -1.80 -0.45
C LEU A 73 -6.55 -3.18 -0.68
N GLY A 74 -6.83 -3.92 0.40
CA GLY A 74 -7.45 -5.23 0.22
C GLY A 74 -8.80 -5.15 -0.45
N ALA A 75 -9.62 -4.17 -0.06
CA ALA A 75 -10.91 -3.99 -0.74
C ALA A 75 -10.70 -3.71 -2.22
N ILE A 76 -9.69 -2.91 -2.54
CA ILE A 76 -9.38 -2.60 -3.93
C ILE A 76 -8.98 -3.85 -4.69
N LEU A 77 -8.03 -4.61 -4.14
CA LEU A 77 -7.55 -5.82 -4.81
C LEU A 77 -8.67 -6.82 -5.05
N LYS A 78 -9.60 -6.93 -4.10
CA LYS A 78 -10.69 -7.89 -4.27
C LYS A 78 -11.64 -7.51 -5.41
N LYS A 79 -11.62 -6.24 -5.84
CA LYS A 79 -12.40 -5.83 -7.00
C LYS A 79 -11.79 -6.27 -8.33
N LYS A 80 -10.55 -6.79 -8.33
CA LYS A 80 -9.90 -7.31 -9.54
C LYS A 80 -9.96 -6.31 -10.69
N GLY A 81 -9.55 -5.08 -10.40
CA GLY A 81 -9.49 -4.02 -11.39
C GLY A 81 -10.74 -3.16 -11.50
N HIS A 82 -11.88 -3.65 -11.03
CA HIS A 82 -13.15 -2.91 -11.12
C HIS A 82 -13.32 -2.02 -9.89
N HIS A 83 -12.36 -1.12 -9.71
CA HIS A 83 -12.19 -0.44 -8.44
C HIS A 83 -12.42 1.07 -8.52
N GLU A 84 -13.12 1.55 -9.56
CA GLU A 84 -13.24 3.00 -9.72
C GLU A 84 -13.91 3.63 -8.49
N ALA A 85 -14.95 2.99 -7.95
CA ALA A 85 -15.64 3.61 -6.82
C ALA A 85 -14.80 3.58 -5.56
N GLU A 86 -13.94 2.58 -5.41
CA GLU A 86 -13.04 2.56 -4.26
C GLU A 86 -11.89 3.55 -4.41
N LEU A 87 -11.39 3.75 -5.63
CA LEU A 87 -10.29 4.68 -5.84
C LEU A 87 -10.75 6.13 -5.71
N LYS A 88 -12.01 6.42 -6.04
CA LYS A 88 -12.46 7.81 -6.06
C LYS A 88 -12.22 8.56 -4.74
N PRO A 89 -12.66 8.07 -3.57
CA PRO A 89 -12.37 8.81 -2.34
C PRO A 89 -10.89 8.85 -2.00
N LEU A 90 -10.15 7.81 -2.38
CA LEU A 90 -8.72 7.78 -2.08
CA LEU A 90 -8.72 7.76 -2.08
C LEU A 90 -7.97 8.83 -2.89
N ALA A 91 -8.24 8.90 -4.19
CA ALA A 91 -7.65 9.94 -5.00
C ALA A 91 -8.01 11.32 -4.47
N GLN A 92 -9.28 11.53 -4.09
CA GLN A 92 -9.74 12.82 -3.56
C GLN A 92 -8.85 13.28 -2.41
N SER A 93 -8.71 12.45 -1.38
CA SER A 93 -7.96 12.89 -0.21
C SER A 93 -6.47 12.92 -0.49
N HIS A 94 -5.94 11.93 -1.22
CA HIS A 94 -4.50 11.87 -1.39
C HIS A 94 -4.00 12.91 -2.38
N ALA A 95 -4.84 13.36 -3.30
CA ALA A 95 -4.42 14.42 -4.20
C ALA A 95 -4.58 15.79 -3.56
N THR A 96 -5.71 16.05 -2.93
CA THR A 96 -6.03 17.42 -2.56
C THR A 96 -5.74 17.75 -1.10
N LYS A 97 -5.67 16.77 -0.21
CA LYS A 97 -5.38 17.03 1.19
C LYS A 97 -4.00 16.55 1.59
N HIS A 98 -3.72 15.25 1.42
CA HIS A 98 -2.46 14.72 1.89
C HIS A 98 -1.32 15.03 0.93
N LYS A 99 -1.62 15.17 -0.36
CA LYS A 99 -0.65 15.49 -1.41
C LYS A 99 0.45 14.44 -1.46
N ILE A 100 0.03 13.24 -1.82
CA ILE A 100 0.92 12.08 -1.88
C ILE A 100 1.29 11.87 -3.35
N PRO A 101 2.52 12.14 -3.76
CA PRO A 101 2.89 11.95 -5.17
C PRO A 101 2.90 10.47 -5.52
N ILE A 102 2.74 10.19 -6.82
CA ILE A 102 2.78 8.81 -7.27
C ILE A 102 4.09 8.14 -6.89
N LYS A 103 5.20 8.88 -6.86
CA LYS A 103 6.45 8.24 -6.48
C LYS A 103 6.39 7.68 -5.06
N TYR A 104 5.61 8.30 -4.17
CA TYR A 104 5.44 7.73 -2.84
C TYR A 104 4.56 6.49 -2.88
N LEU A 105 3.58 6.46 -3.80
CA LEU A 105 2.81 5.23 -3.97
C LEU A 105 3.68 4.12 -4.52
N GLU A 106 4.67 4.47 -5.36
CA GLU A 106 5.64 3.47 -5.77
C GLU A 106 6.44 2.97 -4.58
N PHE A 107 6.87 3.88 -3.70
CA PHE A 107 7.64 3.47 -2.53
C PHE A 107 6.84 2.51 -1.65
N ILE A 108 5.55 2.81 -1.41
CA ILE A 108 4.81 1.90 -0.53
C ILE A 108 4.52 0.59 -1.25
N SER A 109 4.36 0.63 -2.57
CA SER A 109 4.20 -0.61 -3.33
C SER A 109 5.43 -1.49 -3.16
N GLU A 110 6.60 -0.88 -3.21
CA GLU A 110 7.83 -1.65 -3.02
C GLU A 110 7.90 -2.24 -1.63
N ALA A 111 7.45 -1.49 -0.62
CA ALA A 111 7.43 -2.00 0.75
C ALA A 111 6.47 -3.16 0.89
N ILE A 112 5.29 -3.04 0.27
CA ILE A 112 4.33 -4.15 0.32
C ILE A 112 4.95 -5.40 -0.27
N ILE A 113 5.54 -5.28 -1.46
CA ILE A 113 6.15 -6.43 -2.11
C ILE A 113 7.28 -7.00 -1.25
N HIS A 114 8.08 -6.12 -0.64
CA HIS A 114 9.17 -6.60 0.22
C HIS A 114 8.64 -7.42 1.38
N VAL A 115 7.61 -6.92 2.08
CA VAL A 115 7.09 -7.62 3.24
C VAL A 115 6.42 -8.93 2.82
N LEU A 116 5.69 -8.92 1.70
CA LEU A 116 5.05 -10.16 1.28
C LEU A 116 6.09 -11.22 0.92
N HIS A 117 7.17 -10.81 0.24
CA HIS A 117 8.22 -11.76 -0.10
C HIS A 117 8.92 -12.25 1.15
N SER A 118 9.13 -11.36 2.14
CA SER A 118 9.85 -11.76 3.36
C SER A 118 9.03 -12.74 4.18
N ARG A 119 7.72 -12.54 4.26
CA ARG A 119 6.89 -13.33 5.16
C ARG A 119 6.29 -14.56 4.49
N HIS A 120 6.00 -14.50 3.19
CA HIS A 120 5.25 -15.57 2.53
C HIS A 120 5.94 -16.02 1.25
N PRO A 121 7.24 -16.34 1.30
CA PRO A 121 7.92 -16.68 0.04
C PRO A 121 7.30 -17.86 -0.69
N GLY A 122 6.76 -18.84 0.04
CA GLY A 122 6.11 -19.96 -0.62
C GLY A 122 4.88 -19.56 -1.41
N ASP A 123 4.21 -18.48 -0.99
CA ASP A 123 3.05 -17.97 -1.71
C ASP A 123 3.38 -16.71 -2.50
N PHE A 124 4.65 -16.45 -2.75
CA PHE A 124 5.06 -15.22 -3.40
C PHE A 124 6.28 -15.50 -4.28
N GLY A 125 6.19 -16.58 -5.06
CA GLY A 125 7.17 -16.84 -6.09
C GLY A 125 6.98 -15.90 -7.27
N ALA A 126 7.72 -16.18 -8.34
CA ALA A 126 7.75 -15.25 -9.47
C ALA A 126 6.35 -15.01 -10.04
N ASP A 127 5.53 -16.07 -10.10
CA ASP A 127 4.17 -15.95 -10.61
C ASP A 127 3.38 -14.93 -9.79
N ALA A 128 3.39 -15.10 -8.47
CA ALA A 128 2.59 -14.24 -7.61
C ALA A 128 3.20 -12.85 -7.49
N GLN A 129 4.54 -12.77 -7.45
CA GLN A 129 5.21 -11.47 -7.46
C GLN A 129 4.80 -10.65 -8.67
N GLY A 130 4.85 -11.26 -9.85
CA GLY A 130 4.48 -10.53 -11.05
C GLY A 130 3.03 -10.12 -11.04
N ALA A 131 2.16 -11.00 -10.53
CA ALA A 131 0.74 -10.66 -10.42
C ALA A 131 0.55 -9.47 -9.50
N MET A 132 1.18 -9.50 -8.32
CA MET A 132 1.02 -8.39 -7.39
C MET A 132 1.60 -7.10 -7.97
N ASN A 133 2.75 -7.21 -8.64
CA ASN A 133 3.33 -6.07 -9.34
C ASN A 133 2.31 -5.44 -10.28
N LYS A 134 1.68 -6.27 -11.10
CA LYS A 134 0.68 -5.79 -12.06
C LYS A 134 -0.50 -5.16 -11.35
N ALA A 135 -0.95 -5.78 -10.25
CA ALA A 135 -2.11 -5.24 -9.55
C ALA A 135 -1.81 -3.88 -8.95
N LEU A 136 -0.63 -3.71 -8.36
CA LEU A 136 -0.25 -2.42 -7.79
C LEU A 136 0.05 -1.40 -8.88
N GLU A 137 0.61 -1.83 -10.01
CA GLU A 137 0.78 -0.89 -11.12
C GLU A 137 -0.56 -0.38 -11.63
N LEU A 138 -1.57 -1.26 -11.67
CA LEU A 138 -2.89 -0.84 -12.14
C LEU A 138 -3.50 0.16 -11.18
N PHE A 139 -3.41 -0.12 -9.87
CA PHE A 139 -3.82 0.83 -8.84
C PHE A 139 -3.15 2.20 -9.06
N ARG A 140 -1.83 2.21 -9.23
CA ARG A 140 -1.13 3.49 -9.37
C ARG A 140 -1.50 4.19 -10.68
N LYS A 141 -1.64 3.44 -11.77
CA LYS A 141 -2.05 4.04 -13.03
C LYS A 141 -3.41 4.72 -12.89
N ASP A 142 -4.37 4.00 -12.30
CA ASP A 142 -5.73 4.54 -12.22
C ASP A 142 -5.80 5.69 -11.22
N ILE A 143 -5.10 5.61 -10.09
CA ILE A 143 -5.13 6.76 -9.20
C ILE A 143 -4.41 7.96 -9.80
N ALA A 144 -3.36 7.75 -10.60
CA ALA A 144 -2.69 8.88 -11.23
C ALA A 144 -3.63 9.61 -12.18
N ALA A 145 -4.47 8.88 -12.90
CA ALA A 145 -5.42 9.53 -13.79
C ALA A 145 -6.44 10.34 -13.00
N LYS A 146 -6.88 9.82 -11.84
CA LYS A 146 -7.81 10.58 -11.03
C LYS A 146 -7.15 11.80 -10.40
N TYR A 147 -5.88 11.66 -10.00
CA TYR A 147 -5.10 12.79 -9.51
C TYR A 147 -5.20 13.95 -10.49
N LYS A 148 -4.95 13.67 -11.76
CA LYS A 148 -4.92 14.73 -12.76
C LYS A 148 -6.31 15.33 -12.94
N GLU A 149 -7.36 14.50 -12.88
CA GLU A 149 -8.71 15.03 -13.00
C GLU A 149 -8.98 16.06 -11.91
N LEU A 150 -8.37 15.88 -10.74
CA LEU A 150 -8.52 16.78 -9.62
C LEU A 150 -7.53 17.94 -9.64
N GLY A 151 -6.71 18.03 -10.68
CA GLY A 151 -5.75 19.11 -10.81
C GLY A 151 -4.39 18.87 -10.17
N TYR A 152 -4.10 17.65 -9.74
CA TYR A 152 -2.86 17.33 -9.05
C TYR A 152 -1.95 16.55 -9.99
N GLN A 153 -0.77 17.09 -10.26
CA GLN A 153 0.18 16.48 -11.20
C GLN A 153 1.26 15.68 -10.49
N GLY A 154 1.03 15.28 -9.25
CA GLY A 154 2.03 14.57 -8.48
C GLY A 154 2.14 13.12 -8.89
#